data_3TFV
#
_entry.id   3TFV
#
_cell.length_a   80.999
_cell.length_b   80.999
_cell.length_c   90.737
_cell.angle_alpha   90.00
_cell.angle_beta   90.00
_cell.angle_gamma   120.00
#
_symmetry.space_group_name_H-M   'P 32 2 1'
#
loop_
_entity.id
_entity.type
_entity.pdbx_description
1 polymer 'Dehydrosqualene synthase'
2 non-polymer 'MAGNESIUM ION'
3 non-polymer '5-bromo-2-{[3-(octyloxy)benzyl]sulfanyl}benzoic acid'
#
_entity_poly.entity_id   1
_entity_poly.type   'polypeptide(L)'
_entity_poly.pdbx_seq_one_letter_code
;AAAAAAMTMMDMNFKYCHKIMKKHSKSFSYAFDLLPEDQRKAVWAIYAVCRKIDDSIDVYGDIQFLNQIKEDIQSIEKYP
YEYHHFQSDRRIMMALQHVAQHKNIAFQSFYNLIDTVYKDQHFTMFETDAELFGYCYGVAGTVGEVLTPILSDHETHQTY
DVARRLGESLQLINILRDVGEDFENERIYFSKQRLKQYEVDIAEVYQNGVNNHYIDLWEYYAAIAEKDFRDVMDQIKVFS
IEAQPIIELAARIYIEILDEVRQANYTLHERVFVEKRKKAKLFHEINSKYHRI
;
_entity_poly.pdbx_strand_id   A
#
loop_
_chem_comp.id
_chem_comp.type
_chem_comp.name
_chem_comp.formula
2CN non-polymer '5-bromo-2-{[3-(octyloxy)benzyl]sulfanyl}benzoic acid' 'C22 H27 Br O3 S'
MG non-polymer 'MAGNESIUM ION' 'Mg 2'
#
# COMPACT_ATOMS: atom_id res chain seq x y z
N MET A 7 -18.25 24.23 -5.35
CA MET A 7 -17.04 23.39 -5.03
C MET A 7 -15.84 24.30 -4.84
N THR A 8 -15.41 24.45 -3.59
CA THR A 8 -14.31 25.39 -3.19
C THR A 8 -12.91 25.06 -3.75
N MET A 9 -11.85 25.49 -3.07
CA MET A 9 -10.51 25.40 -3.69
C MET A 9 -9.67 24.23 -3.23
N MET A 10 -9.59 24.05 -1.92
CA MET A 10 -9.25 22.76 -1.38
C MET A 10 -10.00 21.65 -2.11
N ASP A 11 -11.34 21.72 -2.14
CA ASP A 11 -12.14 20.65 -2.72
C ASP A 11 -11.55 20.16 -4.04
N MET A 12 -11.06 21.11 -4.83
CA MET A 12 -10.48 20.86 -6.15
C MET A 12 -9.17 20.04 -6.07
N ASN A 13 -8.37 20.32 -5.03
CA ASN A 13 -7.17 19.56 -4.72
C ASN A 13 -7.52 18.10 -4.38
N PHE A 14 -8.32 17.93 -3.35
CA PHE A 14 -8.69 16.62 -2.86
C PHE A 14 -9.22 15.76 -3.96
N LYS A 15 -9.79 16.39 -4.98
CA LYS A 15 -10.35 15.65 -6.10
C LYS A 15 -9.28 15.15 -7.09
N TYR A 16 -8.18 15.89 -7.23
CA TYR A 16 -7.02 15.37 -7.98
C TYR A 16 -6.53 14.15 -7.22
N CYS A 17 -6.19 14.39 -5.95
CA CYS A 17 -5.86 13.36 -4.99
C CYS A 17 -6.75 12.15 -5.11
N HIS A 18 -8.05 12.37 -5.04
CA HIS A 18 -8.98 11.28 -5.19
C HIS A 18 -8.80 10.57 -6.53
N LYS A 19 -8.75 11.34 -7.63
CA LYS A 19 -8.60 10.78 -8.97
C LYS A 19 -7.39 9.83 -9.02
N ILE A 20 -6.27 10.32 -8.54
CA ILE A 20 -5.03 9.54 -8.48
C ILE A 20 -5.19 8.19 -7.76
N MET A 21 -5.85 8.21 -6.61
CA MET A 21 -6.06 7.01 -5.80
C MET A 21 -6.92 6.01 -6.54
N LYS A 22 -8.02 6.52 -7.07
CA LYS A 22 -8.97 5.77 -7.83
C LYS A 22 -8.33 5.18 -9.05
N LYS A 23 -7.27 5.82 -9.51
CA LYS A 23 -6.65 5.42 -10.73
C LYS A 23 -5.69 4.30 -10.49
N HIS A 24 -4.95 4.36 -9.40
CA HIS A 24 -3.99 3.33 -9.09
C HIS A 24 -4.65 2.09 -8.56
N SER A 25 -5.24 2.17 -7.38
CA SER A 25 -5.86 1.00 -6.73
C SER A 25 -7.38 1.14 -6.66
N LYS A 26 -8.06 0.29 -7.43
CA LYS A 26 -9.52 0.25 -7.45
C LYS A 26 -10.12 -0.33 -6.16
N SER A 27 -9.31 -1.12 -5.44
CA SER A 27 -9.78 -1.75 -4.21
C SER A 27 -9.82 -0.74 -3.10
N PHE A 28 -8.69 -0.07 -2.90
CA PHE A 28 -8.57 0.86 -1.83
C PHE A 28 -9.65 1.89 -1.91
N SER A 29 -9.78 2.46 -3.10
CA SER A 29 -10.83 3.43 -3.39
C SER A 29 -12.21 2.86 -3.10
N TYR A 30 -12.52 1.70 -3.66
CA TYR A 30 -13.86 1.11 -3.46
C TYR A 30 -14.22 1.24 -2.00
N ALA A 31 -13.25 0.87 -1.17
CA ALA A 31 -13.41 0.78 0.26
C ALA A 31 -13.41 2.13 0.94
N PHE A 32 -12.28 2.83 0.87
CA PHE A 32 -12.09 4.04 1.66
C PHE A 32 -13.00 5.19 1.25
N ASP A 33 -13.57 5.10 0.05
CA ASP A 33 -14.60 6.05 -0.37
C ASP A 33 -15.84 5.96 0.47
N LEU A 34 -16.01 4.86 1.21
CA LEU A 34 -17.22 4.69 2.00
C LEU A 34 -17.03 5.26 3.40
N LEU A 35 -15.93 5.97 3.59
CA LEU A 35 -15.67 6.67 4.84
C LEU A 35 -16.47 7.97 4.86
N PRO A 36 -16.63 8.56 6.06
CA PRO A 36 -17.13 9.92 6.19
C PRO A 36 -16.26 10.93 5.48
N GLU A 37 -16.89 11.98 4.96
CA GLU A 37 -16.22 13.13 4.31
C GLU A 37 -14.86 13.53 4.89
N ASP A 38 -14.82 13.84 6.18
CA ASP A 38 -13.59 14.34 6.79
C ASP A 38 -12.50 13.36 6.53
N GLN A 39 -12.74 12.12 6.94
CA GLN A 39 -11.71 11.10 6.93
C GLN A 39 -11.26 10.69 5.56
N ARG A 40 -12.19 10.51 4.63
CA ARG A 40 -11.77 9.95 3.35
C ARG A 40 -10.90 10.94 2.57
N LYS A 41 -11.15 12.22 2.77
CA LYS A 41 -10.38 13.27 2.14
C LYS A 41 -8.98 13.31 2.68
N ALA A 42 -8.79 13.03 3.96
CA ALA A 42 -7.44 12.97 4.50
C ALA A 42 -6.76 11.74 3.93
N VAL A 43 -7.44 10.60 4.01
CA VAL A 43 -6.92 9.42 3.34
C VAL A 43 -6.49 9.77 1.92
N TRP A 44 -7.34 10.44 1.14
CA TRP A 44 -7.02 10.70 -0.28
C TRP A 44 -5.69 11.43 -0.39
N ALA A 45 -5.55 12.51 0.40
CA ALA A 45 -4.32 13.29 0.46
C ALA A 45 -3.05 12.41 0.59
N ILE A 46 -3.07 11.59 1.64
CA ILE A 46 -1.97 10.73 2.00
C ILE A 46 -1.60 9.75 0.90
N TYR A 47 -2.58 8.99 0.45
CA TYR A 47 -2.39 8.09 -0.65
C TYR A 47 -1.71 8.80 -1.83
N ALA A 48 -2.26 9.93 -2.25
CA ALA A 48 -1.72 10.63 -3.41
C ALA A 48 -0.25 10.99 -3.16
N VAL A 49 0.05 11.70 -2.09
CA VAL A 49 1.45 11.94 -1.71
C VAL A 49 2.31 10.70 -1.92
N CYS A 50 1.86 9.58 -1.40
CA CYS A 50 2.64 8.38 -1.49
C CYS A 50 2.74 7.91 -2.92
N ARG A 51 1.64 8.00 -3.63
CA ARG A 51 1.58 7.56 -5.03
C ARG A 51 2.65 8.29 -5.82
N LYS A 52 2.78 9.58 -5.52
CA LYS A 52 3.74 10.43 -6.16
C LYS A 52 5.09 9.91 -5.84
N ILE A 53 5.34 9.72 -4.54
CA ILE A 53 6.65 9.24 -4.08
C ILE A 53 7.12 7.99 -4.86
N ASP A 54 6.22 7.05 -5.12
CA ASP A 54 6.62 5.88 -5.88
C ASP A 54 6.96 6.23 -7.35
N ASP A 55 6.15 7.11 -7.94
CA ASP A 55 6.23 7.42 -9.38
C ASP A 55 7.30 8.45 -9.73
N SER A 56 7.78 9.18 -8.72
CA SER A 56 8.79 10.23 -8.88
C SER A 56 10.05 9.80 -9.62
N ILE A 57 10.25 8.50 -9.74
CA ILE A 57 11.43 7.96 -10.39
C ILE A 57 11.30 8.00 -11.92
N ASP A 58 10.25 7.36 -12.43
CA ASP A 58 9.91 7.42 -13.85
C ASP A 58 9.40 8.81 -14.17
N VAL A 59 10.30 9.80 -14.21
CA VAL A 59 9.99 11.18 -14.62
C VAL A 59 11.00 11.70 -15.67
N TYR A 60 12.23 12.01 -15.23
CA TYR A 60 13.36 12.32 -16.13
C TYR A 60 14.23 11.07 -16.33
N GLY A 61 14.20 10.17 -15.33
CA GLY A 61 15.11 9.03 -15.20
C GLY A 61 16.15 9.24 -14.10
N ASP A 62 15.81 10.13 -13.17
CA ASP A 62 16.71 10.62 -12.15
C ASP A 62 15.87 11.09 -11.00
N ILE A 63 16.52 11.32 -9.85
CA ILE A 63 15.79 11.71 -8.68
C ILE A 63 15.05 13.02 -8.85
N GLN A 64 15.74 14.14 -8.66
CA GLN A 64 15.08 15.39 -8.78
C GLN A 64 13.80 15.08 -8.08
N PHE A 65 12.71 15.73 -8.44
CA PHE A 65 11.44 15.49 -7.80
C PHE A 65 11.58 14.92 -6.40
N LEU A 66 11.78 13.62 -6.33
CA LEU A 66 11.83 12.96 -5.05
C LEU A 66 12.32 13.86 -3.95
N ASN A 67 13.25 14.73 -4.24
CA ASN A 67 13.78 15.56 -3.18
C ASN A 67 12.89 16.72 -2.99
N GLN A 68 12.35 17.18 -4.10
CA GLN A 68 11.38 18.22 -4.03
C GLN A 68 10.28 17.71 -3.12
N ILE A 69 9.63 16.62 -3.50
CA ILE A 69 8.59 16.04 -2.65
C ILE A 69 9.04 15.94 -1.18
N LYS A 70 10.24 15.42 -0.96
CA LYS A 70 10.83 15.41 0.37
C LYS A 70 10.87 16.83 0.93
N GLU A 71 11.26 17.78 0.07
CA GLU A 71 11.39 19.20 0.44
C GLU A 71 10.04 19.83 0.82
N ASP A 72 9.05 19.70 -0.08
CA ASP A 72 7.68 20.14 0.20
C ASP A 72 7.10 19.52 1.48
N ILE A 73 7.45 18.27 1.76
CA ILE A 73 6.98 17.61 2.98
C ILE A 73 7.69 18.18 4.20
N GLN A 74 9.01 18.25 4.11
CA GLN A 74 9.82 18.77 5.17
C GLN A 74 9.38 20.18 5.52
N SER A 75 9.04 20.96 4.48
CA SER A 75 8.40 22.28 4.61
C SER A 75 7.15 22.25 5.51
N ILE A 76 6.15 21.48 5.11
CA ILE A 76 4.92 21.34 5.86
C ILE A 76 5.20 20.86 7.23
N GLU A 77 6.21 20.04 7.38
CA GLU A 77 6.46 19.50 8.67
C GLU A 77 6.82 20.62 9.57
N LYS A 78 7.62 21.52 9.06
CA LYS A 78 8.14 22.61 9.85
C LYS A 78 7.12 23.68 10.09
N TYR A 79 6.79 24.42 9.04
CA TYR A 79 5.84 25.50 9.13
C TYR A 79 4.53 25.18 8.44
N PRO A 80 3.64 24.55 9.17
CA PRO A 80 2.38 24.09 8.60
C PRO A 80 1.35 25.21 8.33
N TYR A 81 1.61 26.41 8.87
CA TYR A 81 0.60 27.47 8.85
C TYR A 81 1.02 28.66 8.01
N GLU A 82 2.24 28.57 7.47
CA GLU A 82 2.71 29.48 6.43
C GLU A 82 2.43 28.95 5.02
N TYR A 83 2.28 29.83 4.05
CA TYR A 83 2.12 29.42 2.66
C TYR A 83 3.47 28.89 2.13
N HIS A 84 3.46 27.86 1.29
CA HIS A 84 4.69 27.48 0.57
C HIS A 84 4.45 27.39 -0.93
N HIS A 85 5.45 27.78 -1.71
CA HIS A 85 5.47 27.56 -3.16
C HIS A 85 6.11 26.19 -3.38
N PHE A 86 5.27 25.18 -3.47
CA PHE A 86 5.74 23.81 -3.59
C PHE A 86 6.50 23.57 -4.92
N GLN A 87 7.68 22.97 -4.81
CA GLN A 87 8.49 22.63 -5.99
C GLN A 87 7.87 21.51 -6.83
N SER A 88 7.16 20.59 -6.19
CA SER A 88 6.70 19.38 -6.89
C SER A 88 5.27 19.44 -7.44
N ASP A 89 4.35 18.81 -6.73
CA ASP A 89 2.95 18.90 -7.04
C ASP A 89 2.22 19.67 -5.96
N ARG A 90 1.43 20.62 -6.39
CA ARG A 90 0.94 21.65 -5.53
C ARG A 90 -0.43 21.28 -5.15
N ARG A 91 -1.12 20.63 -6.07
CA ARG A 91 -2.46 20.19 -5.79
C ARG A 91 -2.42 19.27 -4.59
N ILE A 92 -1.49 18.34 -4.61
CA ILE A 92 -1.32 17.41 -3.50
C ILE A 92 -0.76 18.03 -2.22
N MET A 93 0.37 18.72 -2.31
CA MET A 93 1.04 19.20 -1.12
C MET A 93 0.15 20.12 -0.29
N MET A 94 -0.85 20.68 -0.98
CA MET A 94 -1.85 21.54 -0.37
C MET A 94 -2.79 20.75 0.51
N ALA A 95 -3.43 19.74 -0.10
CA ALA A 95 -4.33 18.81 0.60
C ALA A 95 -3.66 18.28 1.82
N LEU A 96 -2.42 17.84 1.68
CA LEU A 96 -1.68 17.32 2.82
C LEU A 96 -1.53 18.38 3.88
N GLN A 97 -1.09 19.57 3.49
CA GLN A 97 -0.97 20.65 4.45
C GLN A 97 -2.27 20.86 5.25
N HIS A 98 -3.39 20.87 4.51
CA HIS A 98 -4.72 20.97 5.14
C HIS A 98 -4.94 19.89 6.19
N VAL A 99 -4.70 18.64 5.80
CA VAL A 99 -4.76 17.53 6.72
C VAL A 99 -3.92 17.87 7.93
N ALA A 100 -2.65 18.17 7.68
CA ALA A 100 -1.63 18.29 8.70
C ALA A 100 -2.06 19.27 9.76
N GLN A 101 -2.81 20.28 9.33
CA GLN A 101 -3.41 21.20 10.28
C GLN A 101 -4.30 20.43 11.28
N HIS A 102 -5.39 19.86 10.79
CA HIS A 102 -6.36 19.18 11.67
C HIS A 102 -5.89 17.85 12.31
N LYS A 103 -4.85 17.23 11.77
CA LYS A 103 -4.47 15.85 12.20
C LYS A 103 -2.98 15.65 12.48
N ASN A 104 -2.64 14.70 13.36
CA ASN A 104 -1.23 14.27 13.52
C ASN A 104 -0.72 13.56 12.30
N ILE A 105 0.55 13.73 12.00
CA ILE A 105 1.12 13.09 10.83
C ILE A 105 2.48 12.48 11.16
N ALA A 106 2.60 11.17 11.00
CA ALA A 106 3.88 10.50 11.22
C ALA A 106 4.93 10.81 10.13
N PHE A 107 5.28 12.09 10.00
CA PHE A 107 6.25 12.57 9.00
C PHE A 107 7.43 11.65 8.76
N GLN A 108 7.98 11.12 9.86
CA GLN A 108 9.07 10.20 9.78
C GLN A 108 8.77 9.08 8.77
N SER A 109 7.63 8.44 8.95
CA SER A 109 7.21 7.36 8.08
C SER A 109 7.24 7.74 6.58
N PHE A 110 6.86 8.98 6.25
CA PHE A 110 7.02 9.45 4.87
C PHE A 110 8.49 9.38 4.47
N TYR A 111 9.37 9.82 5.34
CA TYR A 111 10.75 9.74 5.02
C TYR A 111 11.13 8.29 4.89
N ASN A 112 10.80 7.46 5.86
CA ASN A 112 11.08 6.05 5.73
C ASN A 112 10.74 5.56 4.32
N LEU A 113 9.56 5.93 3.84
CA LEU A 113 9.10 5.50 2.53
C LEU A 113 9.96 6.11 1.44
N ILE A 114 10.34 7.37 1.60
CA ILE A 114 11.15 8.01 0.60
C ILE A 114 12.52 7.35 0.54
N ASP A 115 13.16 7.22 1.70
CA ASP A 115 14.36 6.40 1.84
C ASP A 115 14.30 5.06 1.16
N THR A 116 13.16 4.39 1.29
CA THR A 116 12.95 3.11 0.69
C THR A 116 12.99 3.25 -0.81
N VAL A 117 12.45 4.33 -1.35
CA VAL A 117 12.42 4.52 -2.81
C VAL A 117 13.77 4.93 -3.39
N TYR A 118 14.42 5.95 -2.80
CA TYR A 118 15.85 6.24 -3.09
C TYR A 118 16.52 4.89 -3.23
N LYS A 119 16.39 4.07 -2.18
CA LYS A 119 17.12 2.82 -2.01
C LYS A 119 16.81 1.83 -3.08
N ASP A 120 15.66 1.91 -3.69
CA ASP A 120 15.25 0.86 -4.58
C ASP A 120 15.87 0.97 -5.95
N GLN A 121 16.36 2.14 -6.26
CA GLN A 121 17.16 2.36 -7.47
C GLN A 121 18.30 1.36 -7.68
N HIS A 122 18.99 0.98 -6.61
CA HIS A 122 20.03 -0.06 -6.68
C HIS A 122 19.50 -1.40 -6.19
N PHE A 123 18.28 -1.76 -6.58
CA PHE A 123 17.68 -3.02 -6.15
C PHE A 123 18.53 -4.24 -6.48
N THR A 124 19.07 -4.86 -5.45
CA THR A 124 19.55 -6.22 -5.59
C THR A 124 18.55 -7.10 -4.85
N MET A 125 18.36 -8.31 -5.36
CA MET A 125 17.49 -9.31 -4.75
C MET A 125 17.75 -9.46 -3.27
N PHE A 126 16.73 -9.90 -2.54
CA PHE A 126 16.85 -10.12 -1.10
C PHE A 126 17.56 -11.43 -0.77
N GLU A 127 18.58 -11.34 0.09
CA GLU A 127 19.24 -12.52 0.69
C GLU A 127 18.24 -13.46 1.32
N THR A 128 17.49 -12.90 2.26
CA THR A 128 16.64 -13.62 3.18
C THR A 128 15.32 -12.89 3.30
N ASP A 129 14.26 -13.63 3.59
CA ASP A 129 12.93 -13.07 3.89
C ASP A 129 12.98 -11.82 4.78
N ALA A 130 13.95 -11.74 5.69
CA ALA A 130 14.09 -10.57 6.52
C ALA A 130 14.20 -9.31 5.67
N GLU A 131 15.05 -9.32 4.65
CA GLU A 131 15.17 -8.18 3.74
C GLU A 131 13.83 -7.91 3.05
N LEU A 132 13.11 -8.98 2.71
CA LEU A 132 11.84 -8.84 2.02
C LEU A 132 10.82 -8.14 2.93
N PHE A 133 10.71 -8.66 4.14
CA PHE A 133 9.85 -8.11 5.14
C PHE A 133 10.21 -6.67 5.50
N GLY A 134 11.50 -6.34 5.40
CA GLY A 134 11.99 -4.99 5.69
C GLY A 134 11.56 -4.04 4.60
N TYR A 135 11.46 -4.56 3.38
CA TYR A 135 11.05 -3.76 2.26
C TYR A 135 9.56 -3.44 2.45
N CYS A 136 8.73 -4.48 2.64
CA CYS A 136 7.29 -4.31 2.88
C CYS A 136 7.00 -3.28 3.96
N TYR A 137 7.81 -3.25 5.00
CA TYR A 137 7.65 -2.20 5.94
C TYR A 137 7.79 -0.88 5.22
N GLY A 138 8.96 -0.66 4.65
CA GLY A 138 9.30 0.59 4.03
C GLY A 138 8.20 1.07 3.11
N VAL A 139 7.73 0.20 2.22
CA VAL A 139 6.80 0.66 1.19
C VAL A 139 5.35 0.73 1.68
N ALA A 140 4.99 -0.05 2.70
CA ALA A 140 3.60 -0.09 3.09
C ALA A 140 3.36 0.01 4.58
N GLY A 141 4.16 -0.66 5.39
CA GLY A 141 4.06 -0.49 6.84
C GLY A 141 4.02 0.98 7.22
N THR A 142 4.88 1.76 6.56
CA THR A 142 4.88 3.22 6.67
C THR A 142 3.52 3.86 6.34
N VAL A 143 2.90 3.40 5.26
CA VAL A 143 1.63 3.98 4.83
C VAL A 143 0.61 3.72 5.93
N GLY A 144 0.56 2.51 6.45
CA GLY A 144 -0.34 2.19 7.54
C GLY A 144 -0.16 3.11 8.74
N GLU A 145 1.07 3.40 9.10
CA GLU A 145 1.32 4.26 10.24
C GLU A 145 0.74 5.66 10.02
N VAL A 146 1.07 6.24 8.86
CA VAL A 146 0.60 7.57 8.52
C VAL A 146 -0.90 7.60 8.65
N LEU A 147 -1.55 6.57 8.12
CA LEU A 147 -3.01 6.46 8.16
C LEU A 147 -3.64 6.31 9.54
N THR A 148 -2.84 5.88 10.51
CA THR A 148 -3.35 5.54 11.83
C THR A 148 -4.13 6.63 12.58
N PRO A 149 -3.56 7.85 12.78
CA PRO A 149 -4.34 8.95 13.39
C PRO A 149 -5.66 9.25 12.68
N ILE A 150 -5.74 8.90 11.39
CA ILE A 150 -6.94 9.10 10.60
C ILE A 150 -8.03 8.10 10.95
N LEU A 151 -7.67 6.84 11.16
CA LEU A 151 -8.69 5.80 11.32
C LEU A 151 -8.91 5.26 12.73
N SER A 152 -8.54 6.05 13.74
CA SER A 152 -8.78 5.66 15.10
C SER A 152 -8.80 6.90 15.98
N ASP A 153 -9.53 6.81 17.09
CA ASP A 153 -9.85 7.97 17.89
C ASP A 153 -8.74 8.29 18.85
N HIS A 154 -8.17 7.26 19.45
CA HIS A 154 -7.01 7.40 20.34
C HIS A 154 -5.92 6.40 19.96
N GLU A 155 -5.00 6.89 19.14
CA GLU A 155 -3.88 6.14 18.64
C GLU A 155 -2.92 5.78 19.76
N THR A 156 -2.71 4.49 19.94
CA THR A 156 -1.81 3.98 20.96
C THR A 156 -0.75 3.20 20.19
N HIS A 157 0.34 2.80 20.84
CA HIS A 157 1.38 2.00 20.16
C HIS A 157 0.67 0.90 19.37
N GLN A 158 -0.43 0.49 19.96
CA GLN A 158 -1.12 -0.75 19.67
C GLN A 158 -1.83 -0.60 18.32
N THR A 159 -2.39 0.59 18.11
CA THR A 159 -3.04 0.97 16.87
C THR A 159 -2.02 0.91 15.75
N TYR A 160 -0.90 1.58 15.99
CA TYR A 160 0.16 1.72 15.01
C TYR A 160 0.67 0.36 14.58
N ASP A 161 0.82 -0.52 15.56
CA ASP A 161 1.35 -1.83 15.31
C ASP A 161 0.43 -2.59 14.34
N VAL A 162 -0.84 -2.75 14.69
CA VAL A 162 -1.82 -3.37 13.78
C VAL A 162 -1.78 -2.80 12.38
N ALA A 163 -2.01 -1.49 12.26
CA ALA A 163 -2.03 -0.79 10.95
C ALA A 163 -0.84 -1.12 10.04
N ARG A 164 0.36 -0.92 10.59
CA ARG A 164 1.62 -1.38 9.99
C ARG A 164 1.52 -2.82 9.50
N ARG A 165 1.23 -3.72 10.42
CA ARG A 165 1.06 -5.11 10.08
C ARG A 165 0.06 -5.33 8.94
N LEU A 166 -1.02 -4.58 8.89
CA LEU A 166 -1.94 -4.68 7.77
C LEU A 166 -1.25 -4.22 6.49
N GLY A 167 -0.64 -3.05 6.55
CA GLY A 167 0.08 -2.50 5.43
C GLY A 167 1.05 -3.50 4.85
N GLU A 168 1.85 -4.10 5.71
CA GLU A 168 2.87 -5.05 5.28
C GLU A 168 2.26 -6.25 4.56
N SER A 169 1.14 -6.75 5.11
CA SER A 169 0.42 -7.89 4.53
C SER A 169 -0.07 -7.67 3.14
N LEU A 170 -0.74 -6.55 2.92
CA LEU A 170 -1.28 -6.19 1.64
C LEU A 170 -0.15 -6.14 0.63
N GLN A 171 0.91 -5.42 0.97
CA GLN A 171 2.08 -5.41 0.10
C GLN A 171 2.54 -6.81 -0.21
N LEU A 172 2.61 -7.67 0.80
CA LEU A 172 3.02 -8.98 0.47
C LEU A 172 2.09 -9.57 -0.57
N ILE A 173 0.79 -9.32 -0.47
CA ILE A 173 -0.17 -9.92 -1.40
C ILE A 173 0.02 -9.33 -2.78
N ASN A 174 0.16 -8.02 -2.82
CA ASN A 174 0.35 -7.40 -4.10
C ASN A 174 1.58 -8.01 -4.78
N ILE A 175 2.68 -8.16 -4.06
CA ILE A 175 3.83 -8.95 -4.57
C ILE A 175 3.46 -10.32 -5.13
N LEU A 176 2.60 -11.02 -4.40
CA LEU A 176 2.25 -12.37 -4.71
C LEU A 176 1.46 -12.37 -5.96
N ARG A 177 0.79 -11.27 -6.24
CA ARG A 177 -0.11 -11.18 -7.36
C ARG A 177 0.64 -10.79 -8.62
N ASP A 178 1.79 -10.15 -8.45
CA ASP A 178 2.42 -9.47 -9.55
C ASP A 178 3.68 -10.19 -9.92
N VAL A 179 3.74 -11.49 -9.64
CA VAL A 179 5.01 -12.22 -9.80
C VAL A 179 5.53 -12.06 -11.22
N GLY A 180 4.74 -12.45 -12.22
CA GLY A 180 5.08 -12.26 -13.64
C GLY A 180 5.48 -10.84 -14.03
N GLU A 181 4.50 -9.93 -13.98
CA GLU A 181 4.73 -8.50 -14.19
C GLU A 181 6.04 -8.00 -13.58
N ASP A 182 6.25 -8.24 -12.28
CA ASP A 182 7.52 -7.83 -11.64
C ASP A 182 8.73 -8.44 -12.38
N PHE A 183 8.63 -9.74 -12.72
CA PHE A 183 9.74 -10.37 -13.42
C PHE A 183 10.08 -9.56 -14.68
N GLU A 184 9.07 -9.33 -15.52
CA GLU A 184 9.26 -8.56 -16.75
C GLU A 184 10.10 -7.30 -16.54
N ASN A 185 9.87 -6.56 -15.45
CA ASN A 185 10.69 -5.38 -15.20
C ASN A 185 11.93 -5.68 -14.38
N GLU A 186 12.43 -6.91 -14.52
CA GLU A 186 13.69 -7.35 -13.90
C GLU A 186 13.74 -7.30 -12.39
N ARG A 187 12.58 -7.43 -11.77
CA ARG A 187 12.49 -7.51 -10.33
C ARG A 187 11.97 -8.89 -9.92
N ILE A 188 12.58 -9.43 -8.87
CA ILE A 188 11.99 -10.57 -8.16
C ILE A 188 12.07 -10.31 -6.67
N TYR A 189 10.94 -10.47 -6.01
CA TYR A 189 10.83 -10.16 -4.60
C TYR A 189 10.98 -11.34 -3.61
N PHE A 190 10.73 -12.57 -4.05
CA PHE A 190 11.06 -13.72 -3.22
C PHE A 190 12.53 -13.71 -2.83
N SER A 191 12.84 -14.18 -1.62
CA SER A 191 14.24 -14.13 -1.18
C SER A 191 15.12 -15.18 -1.85
N LYS A 192 16.38 -14.85 -2.10
CA LYS A 192 17.36 -15.80 -2.60
C LYS A 192 17.31 -17.06 -1.74
N GLN A 193 17.29 -16.84 -0.43
CA GLN A 193 17.23 -17.92 0.53
C GLN A 193 16.05 -18.81 0.19
N ARG A 194 14.86 -18.24 0.19
CA ARG A 194 13.66 -19.04 0.08
C ARG A 194 13.63 -19.77 -1.25
N LEU A 195 14.21 -19.14 -2.27
CA LEU A 195 14.24 -19.68 -3.61
C LEU A 195 15.08 -20.93 -3.69
N LYS A 196 16.32 -20.85 -3.19
CA LYS A 196 17.22 -21.99 -3.18
C LYS A 196 16.54 -23.15 -2.46
N GLN A 197 16.09 -22.87 -1.23
CA GLN A 197 15.42 -23.87 -0.43
C GLN A 197 14.33 -24.57 -1.24
N TYR A 198 13.61 -23.82 -2.04
CA TYR A 198 12.46 -24.38 -2.73
C TYR A 198 12.78 -24.86 -4.14
N GLU A 199 14.01 -24.59 -4.58
CA GLU A 199 14.48 -25.00 -5.91
C GLU A 199 13.57 -24.41 -7.00
N VAL A 200 13.54 -23.08 -7.03
CA VAL A 200 12.78 -22.31 -8.00
C VAL A 200 13.72 -21.33 -8.64
N ASP A 201 13.59 -21.20 -9.96
CA ASP A 201 14.23 -20.15 -10.72
C ASP A 201 13.03 -19.54 -11.37
N ILE A 202 12.85 -18.24 -11.20
CA ILE A 202 11.67 -17.56 -11.71
C ILE A 202 11.67 -17.43 -13.22
N ALA A 203 12.83 -17.12 -13.81
CA ALA A 203 12.99 -17.08 -15.28
C ALA A 203 12.48 -18.35 -15.96
N GLU A 204 12.82 -19.50 -15.36
CA GLU A 204 12.45 -20.80 -15.85
C GLU A 204 10.95 -21.03 -15.74
N VAL A 205 10.33 -20.57 -14.67
CA VAL A 205 8.89 -20.74 -14.53
C VAL A 205 8.17 -19.85 -15.54
N TYR A 206 8.74 -18.67 -15.75
CA TYR A 206 8.12 -17.70 -16.64
C TYR A 206 7.99 -18.31 -18.02
N GLN A 207 9.09 -18.87 -18.55
CA GLN A 207 9.01 -19.61 -19.81
C GLN A 207 8.11 -20.86 -19.73
N ASN A 208 8.42 -21.77 -18.82
CA ASN A 208 7.84 -23.11 -18.91
C ASN A 208 6.58 -23.39 -18.10
N GLY A 209 5.95 -22.33 -17.61
CA GLY A 209 4.72 -22.45 -16.81
C GLY A 209 4.97 -23.00 -15.42
N VAL A 210 3.99 -22.88 -14.53
CA VAL A 210 4.21 -23.26 -13.14
C VAL A 210 4.50 -24.75 -13.00
N ASN A 211 5.24 -25.10 -11.94
CA ASN A 211 5.36 -26.48 -11.48
C ASN A 211 5.00 -26.59 -9.98
N ASN A 212 5.33 -27.70 -9.34
CA ASN A 212 5.00 -27.94 -7.94
C ASN A 212 5.82 -27.13 -6.93
N HIS A 213 7.10 -26.92 -7.24
CA HIS A 213 7.95 -26.08 -6.39
C HIS A 213 7.47 -24.63 -6.28
N TYR A 214 7.04 -24.06 -7.40
CA TYR A 214 6.60 -22.69 -7.40
C TYR A 214 5.38 -22.62 -6.50
N ILE A 215 4.37 -23.41 -6.83
CA ILE A 215 3.16 -23.49 -6.04
C ILE A 215 3.50 -23.41 -4.56
N ASP A 216 4.46 -24.23 -4.14
CA ASP A 216 4.80 -24.40 -2.73
C ASP A 216 5.47 -23.20 -2.11
N LEU A 217 6.35 -22.55 -2.86
CA LEU A 217 7.01 -21.33 -2.40
C LEU A 217 6.02 -20.21 -2.34
N TRP A 218 5.08 -20.22 -3.27
CA TRP A 218 4.09 -19.19 -3.32
C TRP A 218 3.17 -19.36 -2.14
N GLU A 219 2.78 -20.60 -1.90
CA GLU A 219 1.85 -20.92 -0.82
C GLU A 219 2.46 -20.72 0.55
N TYR A 220 3.78 -20.85 0.61
CA TYR A 220 4.50 -20.62 1.82
C TYR A 220 4.28 -19.19 2.20
N TYR A 221 4.46 -18.28 1.23
CA TYR A 221 4.23 -16.83 1.43
C TYR A 221 2.74 -16.50 1.59
N ALA A 222 1.89 -17.16 0.80
CA ALA A 222 0.44 -16.98 0.93
C ALA A 222 -0.02 -17.27 2.35
N ALA A 223 0.64 -18.23 2.99
CA ALA A 223 0.28 -18.59 4.35
C ALA A 223 0.62 -17.44 5.32
N ILE A 224 1.75 -16.78 5.08
CA ILE A 224 2.25 -15.77 6.01
C ILE A 224 1.27 -14.62 6.04
N ALA A 225 0.85 -14.22 4.83
CA ALA A 225 -0.12 -13.17 4.66
C ALA A 225 -1.42 -13.57 5.35
N GLU A 226 -2.02 -14.67 4.88
CA GLU A 226 -3.30 -15.13 5.40
C GLU A 226 -3.35 -15.02 6.92
N LYS A 227 -2.28 -15.51 7.55
CA LYS A 227 -2.15 -15.57 8.99
C LYS A 227 -2.11 -14.18 9.59
N ASP A 228 -1.33 -13.32 8.95
CA ASP A 228 -1.21 -11.96 9.44
C ASP A 228 -2.53 -11.20 9.32
N PHE A 229 -3.24 -11.41 8.22
CA PHE A 229 -4.59 -10.88 8.06
C PHE A 229 -5.55 -11.34 9.16
N ARG A 230 -5.48 -12.61 9.55
CA ARG A 230 -6.28 -13.06 10.70
C ARG A 230 -5.93 -12.34 12.02
N ASP A 231 -4.63 -12.17 12.29
CA ASP A 231 -4.20 -11.35 13.42
C ASP A 231 -4.88 -10.00 13.42
N VAL A 232 -4.75 -9.28 12.33
CA VAL A 232 -5.29 -7.93 12.22
C VAL A 232 -6.81 -7.91 12.46
N MET A 233 -7.51 -8.83 11.81
CA MET A 233 -8.96 -8.92 11.99
C MET A 233 -9.35 -9.01 13.44
N ASP A 234 -8.57 -9.75 14.23
CA ASP A 234 -8.86 -9.91 15.63
C ASP A 234 -8.74 -8.61 16.37
N GLN A 235 -7.86 -7.74 15.92
CA GLN A 235 -7.66 -6.49 16.65
C GLN A 235 -8.25 -5.29 15.95
N ILE A 236 -9.14 -5.54 15.01
CA ILE A 236 -9.80 -4.51 14.22
C ILE A 236 -10.35 -3.43 15.11
N LYS A 237 -10.69 -3.79 16.34
CA LYS A 237 -11.34 -2.89 17.30
C LYS A 237 -10.51 -1.68 17.75
N VAL A 238 -9.25 -1.61 17.32
CA VAL A 238 -8.35 -0.53 17.72
C VAL A 238 -8.66 0.70 16.89
N PHE A 239 -9.38 0.44 15.81
CA PHE A 239 -9.77 1.47 14.86
C PHE A 239 -11.15 1.96 15.22
N SER A 240 -11.37 3.27 15.01
CA SER A 240 -12.64 3.94 15.26
C SER A 240 -13.79 3.15 14.67
N ILE A 241 -15.00 3.36 15.22
CA ILE A 241 -16.14 2.53 14.78
C ILE A 241 -16.51 2.65 13.30
N GLU A 242 -16.40 3.85 12.73
CA GLU A 242 -16.74 4.05 11.31
C GLU A 242 -15.74 3.34 10.42
N ALA A 243 -14.46 3.37 10.82
CA ALA A 243 -13.38 2.79 10.04
C ALA A 243 -13.43 1.27 9.97
N GLN A 244 -13.93 0.62 11.02
CA GLN A 244 -13.79 -0.84 11.14
C GLN A 244 -14.28 -1.64 9.94
N PRO A 245 -15.56 -1.50 9.58
CA PRO A 245 -16.02 -2.26 8.40
C PRO A 245 -15.29 -1.87 7.10
N ILE A 246 -14.94 -0.60 6.93
CA ILE A 246 -14.12 -0.19 5.79
C ILE A 246 -12.78 -0.94 5.75
N ILE A 247 -12.13 -1.05 6.90
CA ILE A 247 -10.79 -1.59 6.96
C ILE A 247 -10.89 -3.07 6.80
N GLU A 248 -11.97 -3.65 7.31
CA GLU A 248 -12.24 -5.05 7.08
C GLU A 248 -12.50 -5.31 5.60
N LEU A 249 -13.22 -4.38 4.98
CA LEU A 249 -13.48 -4.49 3.58
C LEU A 249 -12.18 -4.57 2.79
N ALA A 250 -11.38 -3.51 2.83
CA ALA A 250 -10.12 -3.47 2.07
C ALA A 250 -9.29 -4.75 2.27
N ALA A 251 -9.27 -5.24 3.50
CA ALA A 251 -8.59 -6.46 3.83
C ALA A 251 -9.21 -7.58 3.04
N ARG A 252 -10.51 -7.77 3.22
CA ARG A 252 -11.20 -8.90 2.61
C ARG A 252 -10.97 -8.95 1.11
N ILE A 253 -11.17 -7.82 0.47
CA ILE A 253 -10.89 -7.70 -0.94
C ILE A 253 -9.46 -8.13 -1.33
N TYR A 254 -8.48 -7.67 -0.55
CA TYR A 254 -7.11 -8.06 -0.79
C TYR A 254 -6.81 -9.54 -0.54
N ILE A 255 -7.30 -10.12 0.56
CA ILE A 255 -7.15 -11.57 0.71
C ILE A 255 -7.71 -12.26 -0.50
N GLU A 256 -8.91 -11.84 -0.87
CA GLU A 256 -9.63 -12.39 -1.98
C GLU A 256 -8.74 -12.50 -3.23
N ILE A 257 -7.81 -11.58 -3.36
CA ILE A 257 -6.86 -11.63 -4.45
C ILE A 257 -6.09 -12.95 -4.52
N LEU A 258 -5.92 -13.60 -3.37
CA LEU A 258 -5.14 -14.84 -3.33
C LEU A 258 -5.87 -15.99 -4.01
N ASP A 259 -7.15 -16.15 -3.69
CA ASP A 259 -7.97 -17.18 -4.33
C ASP A 259 -8.04 -16.93 -5.82
N GLU A 260 -7.92 -15.68 -6.23
CA GLU A 260 -7.80 -15.37 -7.63
C GLU A 260 -6.51 -15.96 -8.21
N VAL A 261 -5.36 -15.58 -7.67
CA VAL A 261 -4.10 -16.13 -8.18
C VAL A 261 -4.18 -17.66 -8.26
N ARG A 262 -4.77 -18.29 -7.24
CA ARG A 262 -5.01 -19.73 -7.19
C ARG A 262 -5.84 -20.22 -8.37
N GLN A 263 -7.06 -19.68 -8.52
CA GLN A 263 -7.93 -19.96 -9.67
C GLN A 263 -7.22 -19.81 -11.01
N ALA A 264 -6.46 -18.73 -11.20
CA ALA A 264 -5.68 -18.55 -12.42
C ALA A 264 -4.45 -19.47 -12.53
N ASN A 265 -4.37 -20.49 -11.67
CA ASN A 265 -3.21 -21.39 -11.64
C ASN A 265 -1.86 -20.63 -11.57
N TYR A 266 -1.84 -19.62 -10.71
CA TYR A 266 -0.63 -18.88 -10.44
C TYR A 266 0.05 -18.43 -11.71
N THR A 267 -0.71 -17.93 -12.68
CA THR A 267 -0.13 -17.44 -13.94
C THR A 267 0.91 -16.37 -13.75
N LEU A 268 1.93 -16.39 -14.58
CA LEU A 268 2.91 -15.32 -14.56
C LEU A 268 2.77 -14.35 -15.75
N HIS A 269 1.72 -14.51 -16.54
CA HIS A 269 1.55 -13.72 -17.75
C HIS A 269 0.27 -12.93 -17.70
N GLU A 270 0.04 -12.32 -16.53
CA GLU A 270 -1.08 -11.41 -16.35
C GLU A 270 -1.46 -11.11 -14.90
N ARG A 271 -2.15 -10.00 -14.76
CA ARG A 271 -2.63 -9.53 -13.48
C ARG A 271 -4.06 -10.01 -13.25
N VAL A 272 -4.23 -10.84 -12.23
CA VAL A 272 -5.55 -11.21 -11.75
C VAL A 272 -6.20 -10.03 -11.01
N PHE A 273 -7.51 -10.08 -10.86
CA PHE A 273 -8.26 -9.01 -10.23
C PHE A 273 -9.51 -9.59 -9.57
N VAL A 274 -10.07 -8.83 -8.65
CA VAL A 274 -11.34 -9.16 -8.05
C VAL A 274 -12.43 -8.37 -8.78
N GLU A 275 -13.41 -9.04 -9.37
CA GLU A 275 -14.55 -8.33 -9.97
C GLU A 275 -15.16 -7.31 -9.00
N LYS A 276 -15.62 -6.18 -9.55
CA LYS A 276 -16.40 -5.18 -8.81
C LYS A 276 -17.60 -5.80 -8.09
N ARG A 277 -18.24 -6.76 -8.76
CA ARG A 277 -19.45 -7.40 -8.26
C ARG A 277 -19.15 -8.25 -7.02
N LYS A 278 -18.01 -8.95 -7.08
CA LYS A 278 -17.53 -9.75 -5.95
C LYS A 278 -17.18 -8.84 -4.77
N LYS A 279 -16.52 -7.72 -5.09
CA LYS A 279 -16.29 -6.63 -4.11
C LYS A 279 -17.56 -6.29 -3.32
N ALA A 280 -18.65 -6.03 -4.05
CA ALA A 280 -19.94 -5.65 -3.47
C ALA A 280 -20.49 -6.78 -2.66
N LYS A 281 -20.39 -7.98 -3.23
CA LYS A 281 -20.80 -9.18 -2.53
C LYS A 281 -20.14 -9.24 -1.13
N LEU A 282 -18.82 -9.04 -1.11
CA LEU A 282 -18.07 -8.99 0.15
C LEU A 282 -18.55 -7.87 1.06
N PHE A 283 -18.62 -6.65 0.52
CA PHE A 283 -19.11 -5.52 1.28
C PHE A 283 -20.42 -5.89 1.93
N HIS A 284 -21.28 -6.56 1.19
CA HIS A 284 -22.57 -6.94 1.72
C HIS A 284 -22.43 -7.85 2.92
N GLU A 285 -21.61 -8.88 2.80
CA GLU A 285 -21.38 -9.84 3.87
C GLU A 285 -20.86 -9.16 5.13
N ILE A 286 -19.90 -8.26 4.95
CA ILE A 286 -19.32 -7.51 6.07
C ILE A 286 -20.33 -6.49 6.61
N ASN A 287 -20.77 -5.58 5.73
CA ASN A 287 -21.86 -4.64 6.00
C ASN A 287 -22.99 -5.30 6.79
N SER A 288 -23.48 -6.45 6.29
CA SER A 288 -24.54 -7.19 6.98
C SER A 288 -24.19 -7.49 8.45
N LYS A 289 -22.97 -7.91 8.74
CA LYS A 289 -22.61 -8.16 10.15
C LYS A 289 -22.27 -6.90 11.03
N TYR A 290 -22.64 -5.69 10.58
CA TYR A 290 -22.40 -4.46 11.40
C TYR A 290 -23.66 -3.66 11.72
MG MG B . 4.44 -4.33 -7.04
CAA 2CN C . -4.78 0.74 7.13
OAB 2CN C . 3.66 -0.61 -5.20
OAC 2CN C . 5.35 -0.88 -6.62
BRAD 2CN C . 9.86 0.95 -4.46
CAE 2CN C . 0.26 4.33 -1.84
CAF 2CN C . 1.58 4.16 -2.19
CAG 2CN C . 7.56 2.00 -3.32
CAH 2CN C . -0.37 3.41 -1.07
CAI 2CN C . 6.20 2.15 -3.11
CAJ 2CN C . 1.63 2.13 -0.99
CAK 2CN C . 7.12 0.32 -4.96
CAL 2CN C . -4.17 -0.10 6.05
CAM 2CN C . -3.09 0.66 5.35
CAN 2CN C . -2.92 0.16 3.92
CAO 2CN C . -1.60 0.62 3.32
CAP 2CN C . -1.60 0.50 1.82
CAQ 2CN C . -0.49 -0.40 1.34
CAR 2CN C . 0.50 0.40 0.55
CAS 2CN C . 3.70 2.90 -2.18
OAT 2CN C . -0.32 1.42 0.14
SAU 2CN C . 3.65 1.66 -3.48
CAV 2CN C . 4.85 -0.41 -5.59
CAW 2CN C . 8.02 1.08 -4.24
CAX 2CN C . 2.27 3.07 -1.76
CAY 2CN C . 0.32 2.31 -0.64
CAZ 2CN C . 5.31 1.39 -3.83
CBA 2CN C . 5.76 0.47 -4.75
#